data_5XEJ
#
_entry.id   5XEJ
#
_cell.length_a   95.758
_cell.length_b   95.758
_cell.length_c   104.154
_cell.angle_alpha   90.000
_cell.angle_beta   90.000
_cell.angle_gamma   120.000
#
_symmetry.space_group_name_H-M   'P 31 2 1'
#
loop_
_entity.id
_entity.type
_entity.pdbx_description
1 polymer 'Macrophage migration inhibitory factor'
2 non-polymer 'SULFATE ION'
3 non-polymer '(2~{R})-2-[[4-[[2,4-bis(azanyl)pteridin-6-yl]methyl-methyl-amino]phenyl]carbonylamino]pentanedioic acid'
4 water water
#
_entity_poly.entity_id   1
_entity_poly.type   'polypeptide(L)'
_entity_poly.pdbx_seq_one_letter_code
;PMFIVNTNVPRASVPDGFLSELTQQLAQATGKPPQYIAVHVVPDQLMAFGGSSEPCALCSLHSIGKIGGAQNRSYSKLLC
GLLAERLRISPDRVYINYYDMNAANVGWNNSTFA
;
_entity_poly.pdbx_strand_id   A,B,C
#
loop_
_chem_comp.id
_chem_comp.type
_chem_comp.name
_chem_comp.formula
6UV non-polymer '(2~{R})-2-[[4-[[2,4-bis(azanyl)pteridin-6-yl]methyl-methyl-amino]phenyl]carbonylamino]pentanedioic acid' 'C20 H22 N8 O5'
SO4 non-polymer 'SULFATE ION' 'O4 S -2'
#
# COMPACT_ATOMS: atom_id res chain seq x y z
N PRO A 1 10.79 -8.07 8.31
CA PRO A 1 9.59 -7.21 8.38
C PRO A 1 9.65 -5.99 7.45
N MET A 2 8.51 -5.37 7.20
CA MET A 2 8.41 -4.26 6.24
C MET A 2 7.55 -3.21 6.90
N PHE A 3 8.15 -2.05 7.17
CA PHE A 3 7.42 -0.94 7.75
C PHE A 3 7.33 0.22 6.74
N ILE A 4 6.12 0.70 6.53
CA ILE A 4 5.81 1.80 5.60
C ILE A 4 5.09 2.91 6.35
N VAL A 5 5.56 4.14 6.15
CA VAL A 5 4.91 5.34 6.69
C VAL A 5 4.52 6.28 5.56
N ASN A 6 3.24 6.63 5.46
CA ASN A 6 2.81 7.72 4.57
C ASN A 6 2.37 8.92 5.44
N THR A 7 2.90 10.11 5.15
CA THR A 7 2.56 11.25 5.98
C THR A 7 2.52 12.50 5.17
N ASN A 8 1.70 13.46 5.58
CA ASN A 8 1.65 14.81 5.00
C ASN A 8 2.80 15.70 5.45
N VAL A 9 3.54 15.29 6.46
CA VAL A 9 4.75 16.04 6.86
C VAL A 9 5.78 16.26 5.71
N PRO A 10 6.37 17.46 5.62
CA PRO A 10 7.36 17.66 4.54
C PRO A 10 8.62 16.79 4.62
N ARG A 11 9.17 16.45 3.46
CA ARG A 11 10.47 15.82 3.32
C ARG A 11 11.53 16.45 4.24
N ALA A 12 11.61 17.77 4.25
CA ALA A 12 12.60 18.48 5.08
C ALA A 12 12.39 18.33 6.58
N SER A 13 11.20 17.91 7.05
CA SER A 13 11.01 17.57 8.46
C SER A 13 11.44 16.14 8.86
N VAL A 14 11.88 15.31 7.91
CA VAL A 14 12.35 13.92 8.25
C VAL A 14 13.83 14.01 8.68
N PRO A 15 14.16 13.67 9.93
CA PRO A 15 15.54 13.89 10.34
C PRO A 15 16.46 12.88 9.71
N ASP A 16 17.65 13.34 9.35
CA ASP A 16 18.75 12.46 8.99
C ASP A 16 18.83 11.30 9.97
N GLY A 17 18.87 10.07 9.46
CA GLY A 17 18.95 8.88 10.32
C GLY A 17 17.65 8.19 10.73
N PHE A 18 16.52 8.79 10.41
CA PHE A 18 15.20 8.24 10.75
C PHE A 18 15.02 6.80 10.22
N LEU A 19 15.44 6.53 8.97
CA LEU A 19 15.31 5.16 8.41
C LEU A 19 16.19 4.20 9.16
N SER A 20 17.39 4.66 9.54
CA SER A 20 18.33 3.88 10.38
C SER A 20 17.74 3.58 11.73
N GLU A 21 17.12 4.60 12.33
CA GLU A 21 16.52 4.42 13.66
C GLU A 21 15.33 3.44 13.58
N LEU A 22 14.50 3.60 12.55
CA LEU A 22 13.35 2.68 12.43
C LEU A 22 13.85 1.24 12.24
N THR A 23 14.86 1.10 11.39
CA THR A 23 15.43 -0.23 11.17
C THR A 23 15.87 -0.90 12.50
N GLN A 24 16.68 -0.15 13.26
CA GLN A 24 17.26 -0.67 14.50
C GLN A 24 16.20 -0.92 15.52
N GLN A 25 15.23 -0.04 15.67
CA GLN A 25 14.17 -0.23 16.67
C GLN A 25 13.19 -1.32 16.30
N LEU A 26 12.83 -1.42 15.03
CA LEU A 26 12.00 -2.55 14.63
C LEU A 26 12.78 -3.84 14.79
N ALA A 27 14.10 -3.85 14.60
CA ALA A 27 14.86 -5.09 14.91
C ALA A 27 14.73 -5.50 16.37
N GLN A 28 14.96 -4.55 17.27
CA GLN A 28 14.83 -4.78 18.72
C GLN A 28 13.42 -5.25 19.03
N ALA A 29 12.42 -4.52 18.58
CA ALA A 29 11.04 -4.78 19.01
C ALA A 29 10.54 -6.10 18.43
N THR A 30 11.04 -6.45 17.30
CA THR A 30 10.49 -7.57 16.54
C THR A 30 11.22 -8.90 16.80
N GLY A 31 12.47 -8.83 17.32
CA GLY A 31 13.33 -10.00 17.46
C GLY A 31 14.02 -10.48 16.18
N LYS A 32 13.80 -9.80 15.07
CA LYS A 32 14.36 -10.16 13.81
C LYS A 32 15.60 -9.30 13.60
N PRO A 33 16.61 -9.87 12.98
CA PRO A 33 17.77 -9.11 12.67
C PRO A 33 17.57 -8.01 11.67
N PRO A 34 18.33 -6.93 11.83
CA PRO A 34 18.27 -5.69 11.04
C PRO A 34 18.23 -5.90 9.52
N GLN A 35 18.92 -6.93 9.04
CA GLN A 35 19.12 -7.19 7.62
C GLN A 35 17.84 -7.62 6.92
N TYR A 36 16.86 -8.09 7.69
CA TYR A 36 15.56 -8.47 7.19
C TYR A 36 14.51 -7.34 7.26
N ILE A 37 14.88 -6.18 7.84
CA ILE A 37 13.94 -5.08 8.07
C ILE A 37 14.02 -4.09 6.90
N ALA A 38 12.89 -3.86 6.27
CA ALA A 38 12.81 -2.89 5.20
C ALA A 38 11.93 -1.76 5.65
N VAL A 39 12.33 -0.55 5.29
CA VAL A 39 11.72 0.67 5.76
C VAL A 39 11.43 1.64 4.60
N HIS A 40 10.29 2.29 4.64
CA HIS A 40 9.79 3.11 3.52
C HIS A 40 9.05 4.36 4.11
N VAL A 41 9.54 5.55 3.78
CA VAL A 41 8.99 6.77 4.36
C VAL A 41 8.50 7.58 3.21
N VAL A 42 7.20 7.90 3.20
CA VAL A 42 6.58 8.60 2.08
C VAL A 42 6.04 9.92 2.64
N PRO A 43 6.83 11.00 2.56
CA PRO A 43 6.43 12.32 3.06
C PRO A 43 5.70 13.18 2.00
N ASP A 44 5.28 14.39 2.38
CA ASP A 44 4.66 15.32 1.40
C ASP A 44 3.34 14.81 0.85
N GLN A 45 2.65 13.91 1.57
CA GLN A 45 1.50 13.30 1.00
C GLN A 45 0.23 14.15 1.18
N LEU A 46 -0.65 13.96 0.26
CA LEU A 46 -1.93 14.63 0.25
C LEU A 46 -2.87 13.73 1.07
N MET A 47 -3.12 14.11 2.34
CA MET A 47 -3.91 13.32 3.23
C MET A 47 -4.68 14.07 4.24
N ALA A 48 -5.70 13.42 4.76
CA ALA A 48 -6.49 13.92 5.86
C ALA A 48 -6.84 12.82 6.86
N PHE A 49 -7.02 13.22 8.11
CA PHE A 49 -7.39 12.32 9.18
C PHE A 49 -8.48 13.02 9.94
N GLY A 50 -9.65 12.42 9.97
CA GLY A 50 -10.80 13.09 10.52
C GLY A 50 -11.17 14.43 9.82
N GLY A 51 -10.91 14.57 8.52
CA GLY A 51 -11.24 15.80 7.81
C GLY A 51 -10.30 16.96 8.15
N SER A 52 -9.26 16.73 8.94
CA SER A 52 -8.28 17.77 9.21
C SER A 52 -6.95 17.45 8.52
N SER A 53 -6.23 18.51 8.14
CA SER A 53 -4.98 18.35 7.39
C SER A 53 -3.77 18.56 8.27
N GLU A 54 -3.95 18.54 9.58
CA GLU A 54 -2.81 18.54 10.48
C GLU A 54 -1.88 17.33 10.22
N PRO A 55 -0.64 17.40 10.80
CA PRO A 55 0.30 16.32 10.57
C PRO A 55 -0.34 14.97 10.93
N CYS A 56 -0.19 13.98 10.08
CA CYS A 56 -0.77 12.67 10.34
C CYS A 56 0.00 11.59 9.61
N ALA A 57 -0.33 10.35 9.91
CA ALA A 57 0.33 9.18 9.22
C ALA A 57 -0.54 7.98 9.08
N LEU A 58 -0.39 7.31 7.95
CA LEU A 58 -1.01 6.00 7.68
C LEU A 58 0.15 5.06 7.39
N CYS A 59 0.21 3.98 8.16
CA CYS A 59 1.35 3.13 8.20
C CYS A 59 0.95 1.66 8.17
N SER A 60 1.91 0.81 7.83
CA SER A 60 1.66 -0.61 7.86
C SER A 60 2.92 -1.31 8.25
N LEU A 61 2.78 -2.34 9.07
CA LEU A 61 3.85 -3.25 9.39
C LEU A 61 3.42 -4.63 8.93
N HIS A 62 4.22 -5.20 8.01
CA HIS A 62 4.07 -6.59 7.54
C HIS A 62 5.24 -7.41 8.09
N SER A 63 4.92 -8.62 8.54
CA SER A 63 5.93 -9.51 9.09
C SER A 63 5.45 -10.94 9.03
N ILE A 64 6.38 -11.84 8.77
CA ILE A 64 6.11 -13.28 8.96
C ILE A 64 6.16 -13.64 10.44
N GLY A 65 5.02 -13.83 11.09
CA GLY A 65 4.99 -14.03 12.54
C GLY A 65 5.35 -12.76 13.26
N LYS A 66 5.36 -12.82 14.58
CA LYS A 66 5.75 -11.68 15.42
C LYS A 66 4.68 -10.62 15.41
N ILE A 67 3.45 -11.06 15.11
CA ILE A 67 2.25 -10.24 15.04
C ILE A 67 1.16 -10.86 15.95
N GLY A 68 0.57 -10.08 16.86
CA GLY A 68 -0.45 -10.60 17.78
C GLY A 68 -0.94 -9.47 18.67
N GLY A 69 -1.89 -9.77 19.57
CA GLY A 69 -2.49 -8.79 20.49
C GLY A 69 -1.48 -7.88 21.19
N ALA A 70 -0.66 -8.50 22.02
CA ALA A 70 0.27 -7.73 22.90
C ALA A 70 1.43 -7.09 22.11
N GLN A 71 2.00 -7.88 21.23
CA GLN A 71 3.03 -7.39 20.34
C GLN A 71 2.62 -6.14 19.56
N ASN A 72 1.41 -6.17 18.99
CA ASN A 72 0.89 -4.99 18.25
C ASN A 72 0.68 -3.72 19.14
N ARG A 73 0.22 -3.86 20.38
CA ARG A 73 0.17 -2.69 21.30
C ARG A 73 1.56 -2.10 21.52
N SER A 74 2.44 -3.01 21.84
CA SER A 74 3.83 -2.73 22.01
C SER A 74 4.52 -2.04 20.80
N TYR A 75 4.26 -2.55 19.60
CA TYR A 75 4.72 -1.87 18.37
C TYR A 75 4.11 -0.46 18.17
N SER A 76 2.84 -0.34 18.53
CA SER A 76 2.13 0.92 18.32
C SER A 76 2.63 2.00 19.24
N LYS A 77 2.96 1.59 20.47
CA LYS A 77 3.65 2.45 21.44
C LYS A 77 5.01 2.88 20.94
N LEU A 78 5.77 1.95 20.42
CA LEU A 78 7.08 2.33 19.89
C LEU A 78 6.96 3.29 18.69
N LEU A 79 6.15 2.91 17.73
CA LEU A 79 6.07 3.63 16.48
C LEU A 79 5.38 4.98 16.61
N CYS A 80 4.26 5.02 17.33
CA CYS A 80 3.62 6.29 17.69
C CYS A 80 4.61 7.19 18.44
N GLY A 81 5.39 6.56 19.33
CA GLY A 81 6.42 7.26 20.03
C GLY A 81 7.39 7.92 19.12
N LEU A 82 7.87 7.18 18.11
CA LEU A 82 8.85 7.76 17.19
C LEU A 82 8.28 8.80 16.26
N LEU A 83 7.06 8.52 15.76
CA LEU A 83 6.39 9.49 14.91
C LEU A 83 6.15 10.86 15.63
N ALA A 84 5.83 10.84 16.94
CA ALA A 84 5.67 12.05 17.73
C ALA A 84 6.95 12.80 17.88
N GLU A 85 8.00 12.08 18.28
CA GLU A 85 9.27 12.73 18.63
C GLU A 85 10.02 13.12 17.40
N ARG A 86 10.05 12.29 16.39
CA ARG A 86 10.91 12.64 15.26
C ARG A 86 10.18 13.45 14.25
N LEU A 87 8.93 13.11 13.99
CA LEU A 87 8.16 13.82 12.97
C LEU A 87 7.14 14.82 13.49
N ARG A 88 6.93 14.90 14.82
CA ARG A 88 6.00 15.84 15.43
C ARG A 88 4.54 15.52 15.09
N ILE A 89 4.21 14.24 14.98
CA ILE A 89 2.86 13.83 14.65
C ILE A 89 2.17 13.29 15.87
N SER A 90 1.02 13.85 16.16
CA SER A 90 0.25 13.41 17.32
C SER A 90 -0.16 11.90 17.18
N PRO A 91 0.07 11.05 18.23
CA PRO A 91 -0.27 9.63 18.18
C PRO A 91 -1.70 9.33 17.83
N ASP A 92 -2.61 10.22 18.20
CA ASP A 92 -4.02 10.06 17.82
C ASP A 92 -4.31 10.46 16.33
N ARG A 93 -3.27 10.76 15.54
CA ARG A 93 -3.45 11.03 14.11
C ARG A 93 -2.62 10.04 13.29
N VAL A 94 -2.51 8.83 13.82
CA VAL A 94 -1.77 7.71 13.21
C VAL A 94 -2.61 6.48 13.16
N TYR A 95 -2.68 5.86 11.99
CA TYR A 95 -3.13 4.45 11.92
C TYR A 95 -2.00 3.59 11.43
N ILE A 96 -1.91 2.41 12.03
CA ILE A 96 -0.93 1.45 11.67
C ILE A 96 -1.64 0.17 11.45
N ASN A 97 -1.64 -0.34 10.21
CA ASN A 97 -2.23 -1.65 9.97
C ASN A 97 -1.16 -2.73 10.09
N TYR A 98 -1.49 -3.79 10.81
CA TYR A 98 -0.59 -4.90 11.08
C TYR A 98 -1.04 -6.10 10.24
N TYR A 99 -0.06 -6.74 9.59
CA TYR A 99 -0.30 -7.91 8.71
C TYR A 99 0.69 -9.06 9.06
N ASP A 100 0.14 -10.16 9.53
CA ASP A 100 0.89 -11.35 9.73
C ASP A 100 0.97 -12.14 8.43
N MET A 101 2.10 -12.16 7.75
CA MET A 101 2.24 -12.87 6.48
C MET A 101 2.62 -14.35 6.60
N ASN A 102 1.99 -15.19 5.82
CA ASN A 102 2.46 -16.53 5.66
C ASN A 102 3.75 -16.46 4.81
N ALA A 103 4.72 -17.27 5.16
CA ALA A 103 6.03 -17.34 4.45
C ALA A 103 5.89 -17.63 2.95
N ALA A 104 4.93 -18.45 2.60
CA ALA A 104 4.64 -18.81 1.20
C ALA A 104 4.17 -17.65 0.34
N ASN A 105 3.73 -16.56 1.02
CA ASN A 105 3.22 -15.35 0.39
C ASN A 105 4.17 -14.17 0.43
N VAL A 106 5.45 -14.44 0.71
CA VAL A 106 6.54 -13.44 0.66
C VAL A 106 7.64 -13.93 -0.26
N GLY A 107 7.79 -13.23 -1.38
CA GLY A 107 8.84 -13.47 -2.30
C GLY A 107 10.08 -12.65 -1.95
N TRP A 108 11.21 -13.23 -2.31
CA TRP A 108 12.54 -12.71 -1.96
C TRP A 108 13.56 -13.54 -2.74
N ASN A 109 14.54 -12.86 -3.32
CA ASN A 109 15.68 -13.56 -3.90
C ASN A 109 15.28 -14.72 -4.79
N ASN A 110 14.41 -14.40 -5.76
CA ASN A 110 13.94 -15.34 -6.81
C ASN A 110 13.05 -16.47 -6.37
N SER A 111 12.60 -16.48 -5.11
CA SER A 111 11.85 -17.60 -4.53
C SER A 111 10.86 -17.03 -3.46
N THR A 112 10.39 -17.88 -2.55
CA THR A 112 9.64 -17.42 -1.42
C THR A 112 10.30 -17.98 -0.16
N PHE A 113 9.78 -17.64 0.99
CA PHE A 113 10.25 -18.15 2.25
C PHE A 113 9.59 -19.45 2.62
N ALA A 114 8.63 -19.90 1.80
CA ALA A 114 8.12 -21.29 1.97
C ALA A 114 9.03 -22.33 1.29
N PRO B 1 -12.11 3.99 9.60
CA PRO B 1 -11.79 3.56 8.23
C PRO B 1 -10.69 4.35 7.55
N MET B 2 -10.11 3.76 6.52
CA MET B 2 -9.03 4.37 5.78
C MET B 2 -9.17 4.11 4.28
N PHE B 3 -9.05 5.16 3.49
CA PHE B 3 -9.29 5.08 2.06
C PHE B 3 -8.11 5.64 1.32
N ILE B 4 -7.56 4.91 0.37
CA ILE B 4 -6.39 5.35 -0.40
C ILE B 4 -6.66 5.20 -1.88
N VAL B 5 -6.31 6.24 -2.63
CA VAL B 5 -6.46 6.29 -4.06
C VAL B 5 -5.10 6.55 -4.64
N ASN B 6 -4.66 5.65 -5.52
CA ASN B 6 -3.46 5.89 -6.32
C ASN B 6 -3.92 6.09 -7.78
N THR B 7 -3.46 7.13 -8.42
CA THR B 7 -3.94 7.46 -9.74
C THR B 7 -2.80 8.13 -10.56
N ASN B 8 -2.85 7.90 -11.88
CA ASN B 8 -2.06 8.71 -12.84
C ASN B 8 -2.59 10.13 -13.15
N VAL B 9 -3.77 10.47 -12.69
CA VAL B 9 -4.27 11.87 -12.83
C VAL B 9 -3.30 12.86 -12.16
N PRO B 10 -2.98 13.97 -12.84
CA PRO B 10 -2.05 14.94 -12.21
C PRO B 10 -2.59 15.62 -10.93
N ARG B 11 -1.69 16.01 -10.04
CA ARG B 11 -1.97 16.76 -8.82
C ARG B 11 -2.91 17.95 -9.07
N ALA B 12 -2.71 18.69 -10.18
CA ALA B 12 -3.55 19.87 -10.50
C ALA B 12 -5.03 19.52 -10.80
N SER B 13 -5.32 18.30 -11.21
CA SER B 13 -6.70 17.88 -11.43
C SER B 13 -7.33 17.24 -10.20
N VAL B 14 -6.68 17.30 -9.03
CA VAL B 14 -7.32 16.76 -7.79
C VAL B 14 -7.98 17.94 -7.13
N PRO B 15 -9.31 17.99 -7.04
CA PRO B 15 -9.90 19.22 -6.42
C PRO B 15 -9.46 19.40 -5.01
N ASP B 16 -9.39 20.64 -4.61
CA ASP B 16 -8.98 20.95 -3.22
C ASP B 16 -9.88 20.38 -2.15
N GLY B 17 -11.16 20.11 -2.48
CA GLY B 17 -12.19 19.59 -1.57
C GLY B 17 -12.38 18.10 -1.60
N PHE B 18 -11.56 17.43 -2.38
CA PHE B 18 -11.76 16.02 -2.60
C PHE B 18 -11.53 15.22 -1.33
N LEU B 19 -10.54 15.57 -0.52
CA LEU B 19 -10.32 14.76 0.67
C LEU B 19 -11.50 14.87 1.67
N SER B 20 -12.04 16.09 1.83
CA SER B 20 -13.18 16.31 2.71
C SER B 20 -14.41 15.63 2.18
N GLU B 21 -14.58 15.69 0.86
CA GLU B 21 -15.78 15.14 0.29
C GLU B 21 -15.80 13.61 0.53
N LEU B 22 -14.65 13.00 0.29
CA LEU B 22 -14.43 11.60 0.56
C LEU B 22 -14.69 11.29 2.03
N THR B 23 -14.20 12.17 2.89
CA THR B 23 -14.24 11.93 4.29
C THR B 23 -15.68 11.85 4.70
N GLN B 24 -16.44 12.88 4.30
CA GLN B 24 -17.87 12.97 4.61
C GLN B 24 -18.72 11.84 4.01
N GLN B 25 -18.48 11.53 2.75
CA GLN B 25 -19.28 10.49 2.09
C GLN B 25 -18.99 9.07 2.62
N LEU B 26 -17.70 8.85 2.99
CA LEU B 26 -17.34 7.64 3.67
C LEU B 26 -17.94 7.51 5.10
N ALA B 27 -18.03 8.60 5.84
CA ALA B 27 -18.66 8.60 7.18
C ALA B 27 -20.10 8.14 7.03
N GLN B 28 -20.85 8.74 6.10
CA GLN B 28 -22.24 8.35 5.88
C GLN B 28 -22.36 6.91 5.46
N ALA B 29 -21.60 6.51 4.43
CA ALA B 29 -21.70 5.19 3.86
C ALA B 29 -21.34 4.07 4.84
N THR B 30 -20.37 4.31 5.73
CA THR B 30 -19.84 3.30 6.69
C THR B 30 -20.58 3.31 8.04
N GLY B 31 -21.31 4.40 8.33
CA GLY B 31 -21.90 4.67 9.64
C GLY B 31 -20.94 5.19 10.70
N LYS B 32 -19.68 5.46 10.36
CA LYS B 32 -18.67 5.86 11.36
C LYS B 32 -18.55 7.38 11.33
N PRO B 33 -18.37 8.03 12.49
CA PRO B 33 -18.21 9.48 12.48
C PRO B 33 -16.98 9.98 11.63
N PRO B 34 -17.05 11.20 11.06
CA PRO B 34 -15.95 11.68 10.23
C PRO B 34 -14.57 11.66 10.89
N GLN B 35 -14.52 11.77 12.20
CA GLN B 35 -13.27 11.72 12.91
C GLN B 35 -12.49 10.44 12.73
N TYR B 36 -13.20 9.36 12.54
CA TYR B 36 -12.55 8.08 12.34
C TYR B 36 -12.04 7.87 10.93
N ILE B 37 -12.37 8.76 9.98
CA ILE B 37 -12.04 8.52 8.59
C ILE B 37 -10.74 9.21 8.21
N ALA B 38 -9.82 8.42 7.66
CA ALA B 38 -8.61 8.97 7.08
C ALA B 38 -8.60 8.74 5.60
N VAL B 39 -8.05 9.71 4.87
CA VAL B 39 -8.10 9.66 3.40
C VAL B 39 -6.76 10.00 2.82
N HIS B 40 -6.35 9.25 1.81
CA HIS B 40 -5.05 9.51 1.18
C HIS B 40 -5.19 9.45 -0.34
N VAL B 41 -4.78 10.53 -1.01
CA VAL B 41 -4.79 10.64 -2.48
C VAL B 41 -3.36 10.81 -3.09
N VAL B 42 -2.96 9.88 -3.97
CA VAL B 42 -1.60 9.84 -4.49
C VAL B 42 -1.70 10.03 -6.02
N PRO B 43 -1.53 11.28 -6.52
CA PRO B 43 -1.61 11.54 -7.95
C PRO B 43 -0.27 11.43 -8.66
N ASP B 44 -0.24 11.61 -9.99
CA ASP B 44 0.99 11.66 -10.82
C ASP B 44 1.65 10.33 -10.86
N GLN B 45 0.92 9.26 -10.58
CA GLN B 45 1.55 7.97 -10.54
C GLN B 45 1.76 7.38 -11.93
N LEU B 46 2.78 6.58 -12.01
CA LEU B 46 3.17 5.88 -13.18
C LEU B 46 2.47 4.51 -13.12
N MET B 47 1.37 4.41 -13.84
CA MET B 47 0.45 3.28 -13.77
C MET B 47 -0.08 2.88 -15.13
N ALA B 48 -0.47 1.63 -15.26
CA ALA B 48 -1.25 1.23 -16.42
C ALA B 48 -2.31 0.27 -15.96
N PHE B 49 -3.42 0.31 -16.69
CA PHE B 49 -4.55 -0.53 -16.41
C PHE B 49 -4.92 -1.13 -17.71
N GLY B 50 -4.96 -2.44 -17.76
CA GLY B 50 -5.26 -3.13 -18.98
C GLY B 50 -4.25 -2.78 -20.05
N GLY B 51 -3.01 -2.51 -19.70
CA GLY B 51 -2.06 -2.04 -20.71
C GLY B 51 -2.25 -0.65 -21.31
N SER B 52 -3.20 0.13 -20.82
CA SER B 52 -3.39 1.50 -21.34
C SER B 52 -3.00 2.45 -20.23
N SER B 53 -2.48 3.61 -20.59
CA SER B 53 -2.11 4.60 -19.59
C SER B 53 -3.14 5.72 -19.48
N GLU B 54 -4.33 5.45 -19.99
CA GLU B 54 -5.48 6.35 -19.78
C GLU B 54 -5.75 6.52 -18.25
N PRO B 55 -6.48 7.59 -17.86
CA PRO B 55 -6.66 7.75 -16.41
C PRO B 55 -7.27 6.49 -15.72
N CYS B 56 -6.76 6.18 -14.52
CA CYS B 56 -7.12 5.02 -13.80
C CYS B 56 -6.81 5.21 -12.32
N ALA B 57 -7.34 4.31 -11.50
CA ALA B 57 -7.10 4.33 -10.07
C ALA B 57 -7.02 2.94 -9.45
N LEU B 58 -6.13 2.81 -8.45
CA LEU B 58 -6.02 1.60 -7.61
C LEU B 58 -6.16 2.09 -6.19
N CYS B 59 -7.17 1.56 -5.54
CA CYS B 59 -7.62 2.04 -4.27
C CYS B 59 -7.73 0.93 -3.24
N SER B 60 -7.85 1.34 -1.98
CA SER B 60 -8.04 0.49 -0.85
C SER B 60 -8.98 1.12 0.11
N LEU B 61 -9.85 0.31 0.66
CA LEU B 61 -10.62 0.67 1.82
C LEU B 61 -10.36 -0.31 2.96
N HIS B 62 -9.75 0.17 4.05
CA HIS B 62 -9.55 -0.62 5.30
C HIS B 62 -10.54 -0.11 6.36
N SER B 63 -11.25 -1.03 7.00
CA SER B 63 -12.11 -0.72 8.10
C SER B 63 -12.25 -1.91 9.06
N ILE B 64 -12.48 -1.59 10.35
CA ILE B 64 -12.73 -2.59 11.37
C ILE B 64 -14.19 -2.85 11.30
N GLY B 65 -14.58 -3.95 10.63
CA GLY B 65 -15.98 -4.19 10.37
C GLY B 65 -16.48 -3.27 9.27
N LYS B 66 -17.77 -3.40 8.96
CA LYS B 66 -18.42 -2.67 7.86
C LYS B 66 -17.93 -3.05 6.46
N ILE B 67 -17.44 -4.28 6.31
CA ILE B 67 -16.92 -4.82 5.05
C ILE B 67 -17.70 -6.13 4.83
N GLY B 68 -18.19 -6.41 3.63
CA GLY B 68 -19.00 -7.61 3.36
C GLY B 68 -19.43 -7.56 1.93
N GLY B 69 -19.99 -8.66 1.46
CA GLY B 69 -20.48 -8.73 0.08
C GLY B 69 -21.39 -7.55 -0.27
N ALA B 70 -22.41 -7.29 0.54
CA ALA B 70 -23.40 -6.26 0.20
C ALA B 70 -22.79 -4.84 0.28
N GLN B 71 -22.11 -4.57 1.38
CA GLN B 71 -21.54 -3.24 1.62
C GLN B 71 -20.50 -2.85 0.58
N ASN B 72 -19.69 -3.82 0.19
CA ASN B 72 -18.63 -3.57 -0.77
C ASN B 72 -19.16 -3.21 -2.14
N ARG B 73 -20.23 -3.89 -2.56
CA ARG B 73 -20.93 -3.54 -3.82
C ARG B 73 -21.40 -2.08 -3.76
N SER B 74 -21.86 -1.69 -2.61
CA SER B 74 -22.39 -0.37 -2.39
C SER B 74 -21.28 0.71 -2.39
N TYR B 75 -20.16 0.39 -1.73
CA TYR B 75 -19.07 1.31 -1.67
C TYR B 75 -18.48 1.51 -3.05
N SER B 76 -18.51 0.48 -3.88
CA SER B 76 -17.91 0.62 -5.22
C SER B 76 -18.65 1.65 -6.06
N LYS B 77 -19.96 1.72 -5.82
CA LYS B 77 -20.81 2.69 -6.52
C LYS B 77 -20.50 4.09 -6.06
N LEU B 78 -20.52 4.26 -4.76
CA LEU B 78 -20.16 5.51 -4.21
C LEU B 78 -18.79 6.00 -4.73
N LEU B 79 -17.78 5.14 -4.67
CA LEU B 79 -16.41 5.57 -4.91
C LEU B 79 -16.11 5.70 -6.40
N CYS B 80 -16.64 4.79 -7.20
CA CYS B 80 -16.57 4.97 -8.65
C CYS B 80 -17.27 6.27 -9.07
N GLY B 81 -18.38 6.63 -8.41
CA GLY B 81 -19.09 7.90 -8.71
C GLY B 81 -18.24 9.13 -8.40
N LEU B 82 -17.63 9.13 -7.22
CA LEU B 82 -16.75 10.23 -6.82
C LEU B 82 -15.54 10.33 -7.75
N LEU B 83 -14.94 9.19 -8.06
CA LEU B 83 -13.77 9.20 -8.92
C LEU B 83 -14.13 9.61 -10.37
N ALA B 84 -15.26 9.14 -10.85
CA ALA B 84 -15.76 9.57 -12.15
C ALA B 84 -16.05 11.08 -12.21
N GLU B 85 -16.78 11.61 -11.26
CA GLU B 85 -17.10 13.03 -11.31
C GLU B 85 -15.89 13.91 -10.99
N ARG B 86 -15.17 13.61 -9.93
CA ARG B 86 -14.05 14.49 -9.49
C ARG B 86 -12.73 14.35 -10.18
N LEU B 87 -12.35 13.15 -10.60
CA LEU B 87 -11.06 12.92 -11.25
C LEU B 87 -11.15 12.54 -12.72
N ARG B 88 -12.36 12.41 -13.26
CA ARG B 88 -12.68 12.05 -14.67
C ARG B 88 -12.08 10.68 -15.01
N ILE B 89 -12.14 9.75 -14.07
CA ILE B 89 -11.70 8.40 -14.33
C ILE B 89 -12.91 7.50 -14.69
N SER B 90 -12.80 6.78 -15.80
CA SER B 90 -13.82 5.83 -16.18
C SER B 90 -13.96 4.75 -15.08
N PRO B 91 -15.17 4.42 -14.65
CA PRO B 91 -15.29 3.42 -13.58
C PRO B 91 -14.79 2.04 -13.93
N ASP B 92 -14.57 1.78 -15.22
CA ASP B 92 -14.00 0.46 -15.58
C ASP B 92 -12.47 0.39 -15.49
N ARG B 93 -11.88 1.51 -15.13
CA ARG B 93 -10.45 1.62 -14.92
C ARG B 93 -10.15 1.88 -13.41
N VAL B 94 -10.97 1.29 -12.54
CA VAL B 94 -10.83 1.50 -11.13
C VAL B 94 -10.83 0.18 -10.43
N TYR B 95 -9.77 -0.19 -9.72
CA TYR B 95 -9.86 -1.28 -8.74
C TYR B 95 -9.91 -0.73 -7.33
N ILE B 96 -10.71 -1.39 -6.48
CA ILE B 96 -10.74 -1.06 -5.08
C ILE B 96 -10.55 -2.34 -4.25
N ASN B 97 -9.48 -2.43 -3.44
CA ASN B 97 -9.36 -3.59 -2.56
C ASN B 97 -9.94 -3.29 -1.17
N TYR B 98 -10.82 -4.19 -0.71
CA TYR B 98 -11.52 -4.07 0.56
C TYR B 98 -10.88 -5.02 1.60
N TYR B 99 -10.65 -4.47 2.79
CA TYR B 99 -10.02 -5.17 3.89
C TYR B 99 -10.78 -4.93 5.18
N ASP B 100 -11.13 -6.04 5.80
CA ASP B 100 -11.88 -6.04 7.03
C ASP B 100 -10.83 -6.30 8.12
N MET B 101 -10.38 -5.28 8.80
CA MET B 101 -9.29 -5.39 9.75
C MET B 101 -9.79 -5.82 11.12
N ASN B 102 -9.08 -6.77 11.74
CA ASN B 102 -9.28 -7.07 13.14
C ASN B 102 -8.84 -5.89 14.01
N ALA B 103 -9.65 -5.51 14.99
CA ALA B 103 -9.23 -4.45 15.97
C ALA B 103 -7.81 -4.56 16.57
N ALA B 104 -7.32 -5.79 16.78
CA ALA B 104 -6.01 -6.01 17.37
C ALA B 104 -4.87 -5.71 16.40
N ASN B 105 -5.21 -5.64 15.12
CA ASN B 105 -4.28 -5.36 14.05
C ASN B 105 -4.35 -3.91 13.55
N VAL B 106 -5.01 -3.01 14.27
CA VAL B 106 -5.03 -1.62 13.89
C VAL B 106 -4.47 -0.81 15.07
N GLY B 107 -3.25 -0.28 14.88
CA GLY B 107 -2.59 0.63 15.80
C GLY B 107 -3.08 2.07 15.68
N TRP B 108 -3.18 2.75 16.82
CA TRP B 108 -3.69 4.14 16.94
C TRP B 108 -3.43 4.64 18.36
N ASN B 109 -2.83 5.81 18.47
CA ASN B 109 -2.68 6.48 19.80
C ASN B 109 -1.95 5.60 20.82
N ASN B 110 -0.78 5.11 20.40
CA ASN B 110 0.15 4.31 21.25
C ASN B 110 -0.35 2.92 21.58
N SER B 111 -1.45 2.49 21.00
CA SER B 111 -2.05 1.22 21.39
C SER B 111 -2.71 0.65 20.15
N THR B 112 -3.63 -0.28 20.31
CA THR B 112 -4.48 -0.77 19.23
C THR B 112 -5.92 -0.65 19.64
N PHE B 113 -6.83 -0.97 18.75
CA PHE B 113 -8.24 -0.98 19.15
C PHE B 113 -8.69 -2.17 19.97
N ALA B 114 -7.87 -3.21 20.13
CA ALA B 114 -8.29 -4.44 20.89
C ALA B 114 -8.43 -4.19 22.39
N PRO C 1 -5.64 -8.97 -11.84
CA PRO C 1 -4.44 -8.89 -11.01
C PRO C 1 -3.78 -7.50 -10.96
N MET C 2 -3.18 -7.19 -9.82
CA MET C 2 -2.59 -5.86 -9.57
C MET C 2 -1.16 -6.02 -9.03
N PHE C 3 -0.19 -5.35 -9.66
CA PHE C 3 1.19 -5.43 -9.23
C PHE C 3 1.75 -4.04 -8.98
N ILE C 4 2.29 -3.83 -7.79
CA ILE C 4 2.88 -2.52 -7.41
C ILE C 4 4.40 -2.73 -7.07
N VAL C 5 5.27 -1.82 -7.49
CA VAL C 5 6.69 -1.85 -7.16
C VAL C 5 7.03 -0.52 -6.55
N ASN C 6 7.63 -0.55 -5.37
CA ASN C 6 8.09 0.69 -4.71
C ASN C 6 9.60 0.57 -4.65
N THR C 7 10.29 1.58 -5.17
CA THR C 7 11.72 1.45 -5.26
C THR C 7 12.41 2.79 -5.04
N ASN C 8 13.62 2.71 -4.53
CA ASN C 8 14.55 3.87 -4.45
C ASN C 8 15.27 4.10 -5.77
N VAL C 9 15.14 3.25 -6.76
CA VAL C 9 15.79 3.51 -8.07
C VAL C 9 15.21 4.82 -8.67
N PRO C 10 16.05 5.69 -9.27
CA PRO C 10 15.43 6.95 -9.83
C PRO C 10 14.50 6.73 -11.04
N ARG C 11 13.55 7.65 -11.16
CA ARG C 11 12.58 7.70 -12.27
C ARG C 11 13.31 7.48 -13.63
N ALA C 12 14.44 8.17 -13.85
CA ALA C 12 15.14 8.10 -15.12
C ALA C 12 15.73 6.72 -15.41
N SER C 13 15.84 5.81 -14.43
CA SER C 13 16.31 4.42 -14.68
C SER C 13 15.21 3.43 -15.04
N VAL C 14 13.96 3.85 -14.98
CA VAL C 14 12.86 2.96 -15.39
C VAL C 14 12.80 2.94 -16.93
N PRO C 15 13.07 1.79 -17.60
CA PRO C 15 13.01 1.93 -19.10
C PRO C 15 11.57 2.27 -19.59
N ASP C 16 11.46 3.06 -20.65
CA ASP C 16 10.21 3.18 -21.45
C ASP C 16 9.77 1.78 -21.85
N GLY C 17 8.49 1.44 -21.65
CA GLY C 17 8.02 0.08 -21.93
C GLY C 17 7.99 -0.88 -20.72
N PHE C 18 8.65 -0.50 -19.61
CA PHE C 18 8.62 -1.33 -18.40
C PHE C 18 7.19 -1.71 -17.94
N LEU C 19 6.28 -0.75 -17.98
CA LEU C 19 4.90 -1.03 -17.61
C LEU C 19 4.24 -2.02 -18.57
N SER C 20 4.49 -1.86 -19.87
CA SER C 20 3.96 -2.80 -20.87
C SER C 20 4.46 -4.20 -20.70
N GLU C 21 5.77 -4.29 -20.51
CA GLU C 21 6.41 -5.57 -20.27
C GLU C 21 5.86 -6.29 -19.02
N LEU C 22 5.71 -5.57 -17.93
CA LEU C 22 5.15 -6.15 -16.73
C LEU C 22 3.77 -6.68 -16.95
N THR C 23 2.98 -5.89 -17.66
CA THR C 23 1.60 -6.26 -18.00
C THR C 23 1.61 -7.55 -18.82
N GLN C 24 2.39 -7.54 -19.91
CA GLN C 24 2.55 -8.74 -20.75
C GLN C 24 3.02 -9.94 -19.95
N GLN C 25 4.09 -9.75 -19.18
CA GLN C 25 4.58 -10.88 -18.40
C GLN C 25 3.59 -11.33 -17.34
N LEU C 26 2.85 -10.42 -16.69
CA LEU C 26 1.90 -10.86 -15.67
C LEU C 26 0.72 -11.59 -16.26
N ALA C 27 0.35 -11.22 -17.49
CA ALA C 27 -0.74 -11.93 -18.19
C ALA C 27 -0.39 -13.38 -18.54
N GLN C 28 0.81 -13.54 -19.07
CA GLN C 28 1.23 -14.87 -19.42
C GLN C 28 1.42 -15.71 -18.17
N ALA C 29 1.95 -15.10 -17.11
CA ALA C 29 2.27 -15.85 -15.88
C ALA C 29 1.03 -16.25 -15.09
N THR C 30 -0.03 -15.42 -15.14
CA THR C 30 -1.25 -15.67 -14.37
C THR C 30 -2.30 -16.35 -15.23
N GLY C 31 -2.11 -16.36 -16.55
CA GLY C 31 -3.17 -16.77 -17.48
C GLY C 31 -4.43 -15.91 -17.44
N LYS C 32 -4.30 -14.66 -17.02
CA LYS C 32 -5.42 -13.77 -17.00
C LYS C 32 -5.24 -12.82 -18.17
N PRO C 33 -6.35 -12.43 -18.83
CA PRO C 33 -6.16 -11.56 -19.99
C PRO C 33 -5.57 -10.17 -19.61
N PRO C 34 -4.68 -9.64 -20.45
CA PRO C 34 -4.02 -8.40 -20.10
C PRO C 34 -4.95 -7.22 -19.67
N GLN C 35 -6.16 -7.21 -20.18
CA GLN C 35 -7.12 -6.14 -19.91
C GLN C 35 -7.48 -6.05 -18.42
N TYR C 36 -7.43 -7.19 -17.73
CA TYR C 36 -7.65 -7.25 -16.30
C TYR C 36 -6.37 -6.97 -15.42
N ILE C 37 -5.23 -6.63 -16.05
CA ILE C 37 -3.97 -6.40 -15.31
C ILE C 37 -3.56 -4.96 -15.12
N ALA C 38 -3.39 -4.59 -13.85
CA ALA C 38 -2.93 -3.21 -13.56
C ALA C 38 -1.54 -3.24 -12.93
N VAL C 39 -0.69 -2.31 -13.32
CA VAL C 39 0.71 -2.24 -12.85
C VAL C 39 0.96 -0.82 -12.38
N HIS C 40 1.74 -0.68 -11.34
CA HIS C 40 2.01 0.61 -10.73
C HIS C 40 3.50 0.63 -10.31
N VAL C 41 4.27 1.57 -10.87
CA VAL C 41 5.69 1.71 -10.52
C VAL C 41 5.95 3.06 -9.82
N VAL C 42 6.52 2.97 -8.60
CA VAL C 42 6.83 4.14 -7.75
C VAL C 42 8.31 4.23 -7.50
N PRO C 43 9.01 5.09 -8.27
CA PRO C 43 10.44 5.29 -8.07
C PRO C 43 10.71 6.45 -7.12
N ASP C 44 12.01 6.71 -6.96
CA ASP C 44 12.57 7.84 -6.19
C ASP C 44 12.18 7.80 -4.74
N GLN C 45 11.89 6.62 -4.22
CA GLN C 45 11.40 6.49 -2.88
C GLN C 45 12.54 6.48 -1.85
N LEU C 46 12.21 7.05 -0.70
CA LEU C 46 13.01 7.04 0.47
C LEU C 46 12.83 5.67 1.22
N MET C 47 13.79 4.76 0.99
CA MET C 47 13.70 3.35 1.40
C MET C 47 15.00 2.88 1.95
N ALA C 48 14.93 1.91 2.84
CA ALA C 48 16.11 1.17 3.22
C ALA C 48 15.68 -0.26 3.36
N PHE C 49 16.63 -1.16 3.10
CA PHE C 49 16.43 -2.58 3.15
C PHE C 49 17.67 -3.08 3.88
N GLY C 50 17.46 -3.66 5.05
CA GLY C 50 18.58 -4.13 5.85
C GLY C 50 19.51 -3.04 6.34
N GLY C 51 19.04 -1.78 6.48
CA GLY C 51 19.90 -0.65 6.89
C GLY C 51 20.60 0.07 5.73
N SER C 52 20.61 -0.52 4.56
CA SER C 52 21.39 0.01 3.44
C SER C 52 20.41 0.68 2.48
N SER C 53 20.80 1.79 1.85
CA SER C 53 19.99 2.43 0.80
C SER C 53 20.50 2.14 -0.62
N GLU C 54 21.24 1.04 -0.74
CA GLU C 54 21.47 0.42 -2.03
C GLU C 54 20.09 0.15 -2.70
N PRO C 55 20.07 0.03 -4.04
CA PRO C 55 18.82 -0.33 -4.71
C PRO C 55 18.03 -1.51 -4.08
N CYS C 56 16.72 -1.27 -3.87
CA CYS C 56 15.83 -2.25 -3.29
C CYS C 56 14.43 -1.99 -3.82
N ALA C 57 13.55 -2.91 -3.47
CA ALA C 57 12.17 -2.82 -3.84
C ALA C 57 11.25 -3.54 -2.90
N LEU C 58 10.06 -2.96 -2.68
CA LEU C 58 8.91 -3.57 -1.98
C LEU C 58 7.70 -3.58 -2.90
N CYS C 59 7.12 -4.76 -3.06
CA CYS C 59 6.19 -4.98 -4.11
C CYS C 59 5.00 -5.77 -3.59
N SER C 60 3.89 -5.71 -4.33
CA SER C 60 2.64 -6.43 -4.01
C SER C 60 2.11 -7.03 -5.30
N LEU C 61 1.65 -8.26 -5.24
CA LEU C 61 0.80 -8.78 -6.24
C LEU C 61 -0.48 -9.22 -5.56
N HIS C 62 -1.57 -8.59 -5.97
CA HIS C 62 -2.94 -8.94 -5.57
C HIS C 62 -3.67 -9.61 -6.75
N SER C 63 -4.37 -10.69 -6.47
CA SER C 63 -5.07 -11.39 -7.51
C SER C 63 -6.17 -12.22 -6.90
N ILE C 64 -7.27 -12.37 -7.61
CA ILE C 64 -8.32 -13.27 -7.14
C ILE C 64 -7.94 -14.69 -7.59
N GLY C 65 -7.56 -15.58 -6.67
CA GLY C 65 -6.95 -16.85 -7.04
C GLY C 65 -5.63 -16.68 -7.76
N LYS C 66 -5.09 -17.81 -8.24
CA LYS C 66 -3.82 -17.84 -8.94
C LYS C 66 -2.63 -17.43 -8.02
N ILE C 67 -2.83 -17.63 -6.71
CA ILE C 67 -1.87 -17.36 -5.66
C ILE C 67 -1.69 -18.65 -4.85
N GLY C 68 -0.45 -19.08 -4.60
CA GLY C 68 -0.22 -20.37 -3.89
C GLY C 68 1.27 -20.66 -3.79
N GLY C 69 1.61 -21.66 -2.98
CA GLY C 69 2.97 -22.09 -2.80
C GLY C 69 3.81 -22.01 -4.05
N ALA C 70 3.44 -22.81 -5.05
CA ALA C 70 4.30 -22.91 -6.25
C ALA C 70 4.14 -21.72 -7.17
N GLN C 71 2.94 -21.32 -7.46
CA GLN C 71 2.77 -20.11 -8.28
C GLN C 71 3.60 -18.92 -7.73
N ASN C 72 3.59 -18.73 -6.40
CA ASN C 72 4.34 -17.57 -5.84
C ASN C 72 5.86 -17.67 -6.09
N ARG C 73 6.43 -18.88 -6.07
CA ARG C 73 7.87 -19.04 -6.37
C ARG C 73 8.18 -18.66 -7.82
N SER C 74 7.30 -19.12 -8.69
CA SER C 74 7.41 -18.87 -10.07
C SER C 74 7.27 -17.35 -10.39
N TYR C 75 6.30 -16.71 -9.72
CA TYR C 75 6.13 -15.24 -9.85
C TYR C 75 7.37 -14.50 -9.34
N SER C 76 7.92 -14.95 -8.21
CA SER C 76 9.11 -14.32 -7.64
C SER C 76 10.31 -14.38 -8.60
N LYS C 77 10.51 -15.54 -9.22
CA LYS C 77 11.57 -15.74 -10.21
C LYS C 77 11.39 -14.81 -11.37
N LEU C 78 10.19 -14.80 -11.92
CA LEU C 78 9.88 -13.87 -13.00
C LEU C 78 10.13 -12.40 -12.67
N LEU C 79 9.60 -11.97 -11.54
CA LEU C 79 9.57 -10.55 -11.18
C LEU C 79 10.91 -10.03 -10.65
N CYS C 80 11.60 -10.79 -9.77
CA CYS C 80 12.95 -10.43 -9.42
C CYS C 80 13.89 -10.37 -10.65
N GLY C 81 13.69 -11.30 -11.58
CA GLY C 81 14.42 -11.31 -12.83
C GLY C 81 14.23 -10.02 -13.57
N LEU C 82 12.98 -9.59 -13.67
CA LEU C 82 12.66 -8.34 -14.34
C LEU C 82 13.19 -7.11 -13.60
N LEU C 83 13.11 -7.13 -12.28
CA LEU C 83 13.68 -6.07 -11.46
C LEU C 83 15.21 -6.05 -11.53
N ALA C 84 15.81 -7.24 -11.62
CA ALA C 84 17.29 -7.34 -11.80
C ALA C 84 17.65 -6.83 -13.18
N GLU C 85 17.00 -7.36 -14.19
CA GLU C 85 17.34 -6.98 -15.55
C GLU C 85 17.04 -5.53 -15.87
N ARG C 86 15.88 -4.99 -15.50
CA ARG C 86 15.52 -3.61 -15.94
C ARG C 86 15.88 -2.54 -14.94
N LEU C 87 15.79 -2.80 -13.64
CA LEU C 87 16.04 -1.73 -12.69
C LEU C 87 17.40 -1.86 -11.96
N ARG C 88 18.14 -2.92 -12.26
CA ARG C 88 19.47 -3.15 -11.65
C ARG C 88 19.39 -3.41 -10.14
N ILE C 89 18.28 -4.00 -9.71
CA ILE C 89 18.08 -4.27 -8.33
C ILE C 89 18.41 -5.74 -8.07
N SER C 90 19.22 -5.93 -7.04
CA SER C 90 19.58 -7.25 -6.63
C SER C 90 18.35 -8.03 -6.09
N PRO C 91 18.16 -9.26 -6.57
CA PRO C 91 17.03 -10.06 -6.09
C PRO C 91 16.86 -10.19 -4.54
N ASP C 92 17.99 -10.24 -3.83
CA ASP C 92 17.92 -10.37 -2.41
C ASP C 92 17.62 -9.01 -1.69
N ARG C 93 17.37 -7.96 -2.46
CA ARG C 93 16.93 -6.69 -1.92
C ARG C 93 15.54 -6.35 -2.43
N VAL C 94 14.76 -7.39 -2.65
CA VAL C 94 13.35 -7.30 -3.09
C VAL C 94 12.47 -8.12 -2.16
N TYR C 95 11.41 -7.53 -1.66
CA TYR C 95 10.32 -8.30 -1.07
C TYR C 95 9.06 -8.14 -1.91
N ILE C 96 8.32 -9.25 -2.05
CA ILE C 96 7.05 -9.22 -2.79
C ILE C 96 5.89 -9.77 -1.96
N ASN C 97 4.88 -8.98 -1.62
CA ASN C 97 3.77 -9.57 -0.91
C ASN C 97 2.68 -10.09 -1.86
N TYR C 98 2.34 -11.37 -1.67
CA TYR C 98 1.28 -12.02 -2.46
C TYR C 98 0.00 -12.04 -1.63
N TYR C 99 -1.11 -11.60 -2.25
CA TYR C 99 -2.46 -11.59 -1.62
C TYR C 99 -3.50 -12.24 -2.53
N ASP C 100 -4.07 -13.33 -2.03
CA ASP C 100 -5.20 -14.03 -2.62
C ASP C 100 -6.45 -13.29 -2.13
N MET C 101 -7.01 -12.48 -3.03
CA MET C 101 -8.15 -11.63 -2.71
C MET C 101 -9.44 -12.45 -2.90
N ASN C 102 -10.33 -12.40 -1.92
CA ASN C 102 -11.67 -12.87 -2.12
C ASN C 102 -12.38 -11.96 -3.10
N ALA C 103 -13.16 -12.57 -3.97
CA ALA C 103 -13.77 -11.85 -5.09
C ALA C 103 -14.71 -10.72 -4.59
N ALA C 104 -15.35 -10.95 -3.46
CA ALA C 104 -16.27 -9.99 -2.85
C ALA C 104 -15.55 -8.81 -2.21
N ASN C 105 -14.24 -8.91 -2.06
CA ASN C 105 -13.40 -7.81 -1.58
C ASN C 105 -12.58 -7.09 -2.68
N VAL C 106 -12.92 -7.32 -3.94
CA VAL C 106 -12.37 -6.53 -5.02
C VAL C 106 -13.53 -5.78 -5.71
N GLY C 107 -13.56 -4.46 -5.55
CA GLY C 107 -14.45 -3.62 -6.27
C GLY C 107 -13.91 -3.26 -7.63
N TRP C 108 -14.81 -3.27 -8.62
CA TRP C 108 -14.53 -2.82 -10.00
C TRP C 108 -15.83 -2.36 -10.65
N ASN C 109 -15.83 -1.24 -11.34
CA ASN C 109 -16.98 -0.72 -12.11
C ASN C 109 -18.31 -0.89 -11.40
N ASN C 110 -18.42 -0.28 -10.24
CA ASN C 110 -19.72 -0.12 -9.59
C ASN C 110 -20.26 -1.41 -9.00
N SER C 111 -19.37 -2.38 -8.81
CA SER C 111 -19.75 -3.62 -8.17
C SER C 111 -18.52 -4.36 -7.62
N THR C 112 -18.69 -5.63 -7.27
CA THR C 112 -17.51 -6.45 -6.95
C THR C 112 -17.50 -7.56 -7.96
N PHE C 113 -16.47 -8.37 -7.91
CA PHE C 113 -16.35 -9.59 -8.71
C PHE C 113 -17.06 -10.82 -8.11
N ALA C 114 -17.65 -10.73 -6.93
CA ALA C 114 -18.38 -11.92 -6.41
C ALA C 114 -19.58 -12.24 -7.29
S SO4 D . 19.13 16.97 9.25
O1 SO4 D . 18.15 16.19 10.10
O2 SO4 D . 19.01 18.38 9.71
O3 SO4 D . 19.06 16.97 7.74
O4 SO4 D . 20.50 16.46 9.56
S SO4 E . 18.63 7.73 7.03
O1 SO4 E . 19.32 9.04 7.19
O2 SO4 E . 17.18 8.21 7.06
O3 SO4 E . 19.02 7.10 5.75
O4 SO4 E . 18.90 6.71 8.07
S SO4 F . 4.76 9.40 -4.28
O1 SO4 F . 6.12 9.46 -3.67
O2 SO4 F . 4.05 10.70 -3.91
O3 SO4 F . 4.94 9.20 -5.79
O4 SO4 F . 4.10 8.17 -3.64
N1 6UV G . 15.61 -15.66 16.92
C2 6UV G . 16.91 -15.32 16.78
NA2 6UV G . 17.73 -15.36 17.84
N3 6UV G . 17.42 -14.94 15.59
C4 6UV G . 16.67 -14.90 14.48
NA4 6UV G . 17.26 -14.52 13.34
C4A 6UV G . 15.24 -15.23 14.54
N5 6UV G . 14.41 -15.18 13.47
C6 6UV G . 13.10 -15.57 13.66
C7 6UV G . 12.64 -15.93 14.94
N8 6UV G . 13.43 -15.97 16.03
C8A 6UV G . 14.74 -15.63 15.87
C9 6UV G . 12.10 -15.58 12.53
N10 6UV G . 12.14 -16.65 11.51
CM 6UV G . 12.36 -18.09 11.73
C11 6UV G . 12.08 -14.48 8.00
C12 6UV G . 11.30 -15.65 7.98
C13 6UV G . 11.23 -16.45 9.14
C14 6UV G . 12.01 -16.10 10.26
C15 6UV G . 12.77 -14.98 10.25
C16 6UV G . 12.82 -14.21 9.14
C 6UV G . 12.38 -13.42 6.95
O 6UV G . 13.55 -13.53 6.66
N 6UV G . 11.76 -12.31 6.39
CA 6UV G . 10.36 -11.74 6.44
CT 6UV G . 9.97 -11.57 7.88
O1 6UV G . 10.52 -12.30 8.76
O2 6UV G . 9.08 -10.70 8.12
CB 6UV G . 9.95 -10.46 5.56
CG 6UV G . 8.48 -9.91 5.75
CD 6UV G . 7.73 -9.05 4.70
OE1 6UV G . 6.47 -9.05 4.53
OE2 6UV G . 8.33 -8.26 3.97
S SO4 H . -2.24 -4.26 1.87
O1 SO4 H . -2.47 -3.72 0.50
O2 SO4 H . -3.07 -3.49 2.82
O3 SO4 H . -0.79 -4.04 2.16
O4 SO4 H . -2.65 -5.70 1.99
#